data_1HJA
#
_entry.id   1HJA
#
_cell.length_a   103.470
_cell.length_b   103.470
_cell.length_c   47.120
_cell.angle_alpha   90.00
_cell.angle_beta   90.00
_cell.angle_gamma   120.00
#
_symmetry.space_group_name_H-M   'P 61'
#
loop_
_entity.id
_entity.type
_entity.pdbx_description
1 polymer ALPHA-CHYMOTRYPSIN
2 polymer ALPHA-CHYMOTRYPSIN
3 polymer ALPHA-CHYMOTRYPSIN
4 polymer 'OVOMUCOID INHIBITOR'
5 water water
#
loop_
_entity_poly.entity_id
_entity_poly.type
_entity_poly.pdbx_seq_one_letter_code
_entity_poly.pdbx_strand_id
1 'polypeptide(L)' CGVPAIQPVLSGL A
2 'polypeptide(L)'
;IVNGEEAVPGSWPWQVSLQDKTGFHFCGGSLINENWVVTAAHCGVTTSDVVVAGEFDQGSSSEKIQKLKIAKVFKNSKYN
SLTINNDITLLKLSTAASFSQTVSAVCLPSASDDFAAGTTCVTTGWGLTRY
;
B
3 'polypeptide(L)'
;ANTPDRLQQASLPLLSNTNCKKYWGTKIKDAMICAGASGVSSCMGDSGGPLVCKKNGAWTLVGIVSWGSSTCSTSTPGVY
ARVTALVNWVQQTLAAN
;
C
4 'polypeptide(L)' VDCSEYPKPACTKEYRPLCGSDNKTYGNKCNFCNAVVESNGTLTLSHFGKC I
#
# COMPACT_ATOMS: atom_id res chain seq x y z
N CYS A 1 -0.86 5.27 -20.60
CA CYS A 1 -0.59 4.93 -19.17
C CYS A 1 0.90 4.95 -18.83
N GLY A 2 1.20 5.11 -17.54
CA GLY A 2 2.56 5.09 -17.05
C GLY A 2 3.56 6.16 -17.43
N VAL A 3 3.13 7.23 -18.10
CA VAL A 3 4.05 8.29 -18.47
C VAL A 3 3.59 9.58 -17.80
N PRO A 4 4.12 9.88 -16.60
CA PRO A 4 3.72 11.11 -15.93
C PRO A 4 4.08 12.36 -16.73
N ALA A 5 3.20 13.36 -16.72
CA ALA A 5 3.44 14.62 -17.41
C ALA A 5 4.55 15.37 -16.66
N ILE A 6 4.54 15.21 -15.34
CA ILE A 6 5.54 15.81 -14.48
C ILE A 6 6.48 14.64 -14.20
N GLN A 7 7.70 14.70 -14.71
CA GLN A 7 8.62 13.58 -14.48
C GLN A 7 9.21 13.48 -13.08
N PRO A 8 9.19 12.26 -12.51
CA PRO A 8 9.75 12.01 -11.17
C PRO A 8 11.26 12.12 -11.15
N VAL A 9 11.76 12.63 -10.04
CA VAL A 9 13.20 12.79 -9.84
C VAL A 9 13.56 11.83 -8.71
N LEU A 10 14.15 10.71 -9.09
CA LEU A 10 14.53 9.68 -8.14
C LEU A 10 16.01 9.73 -7.76
N ILE B 1 6.75 5.31 4.52
CA ILE B 1 8.03 4.78 3.96
C ILE B 1 9.19 5.16 4.87
N VAL B 2 9.92 4.17 5.36
CA VAL B 2 11.09 4.40 6.22
C VAL B 2 12.29 4.68 5.33
N ASN B 3 12.91 5.83 5.54
CA ASN B 3 14.06 6.25 4.75
C ASN B 3 13.68 6.53 3.29
N GLY B 4 12.59 7.26 3.12
CA GLY B 4 12.16 7.62 1.79
C GLY B 4 12.66 9.03 1.50
N GLU B 5 12.08 9.69 0.51
CA GLU B 5 12.47 11.04 0.17
C GLU B 5 11.23 11.68 -0.42
N GLU B 6 11.09 12.98 -0.22
CA GLU B 6 9.94 13.71 -0.74
C GLU B 6 9.90 13.59 -2.26
N ALA B 7 8.72 13.31 -2.79
CA ALA B 7 8.57 13.17 -4.23
C ALA B 7 8.19 14.50 -4.84
N VAL B 8 8.48 14.64 -6.13
CA VAL B 8 8.15 15.84 -6.89
C VAL B 8 6.65 15.87 -6.96
N PRO B 9 6.05 17.03 -6.68
CA PRO B 9 4.60 17.22 -6.72
C PRO B 9 3.98 16.85 -8.08
N GLY B 10 3.11 15.84 -8.09
CA GLY B 10 2.46 15.40 -9.31
C GLY B 10 3.19 14.40 -10.20
N SER B 11 4.33 13.90 -9.74
CA SER B 11 5.13 12.95 -10.52
C SER B 11 4.66 11.49 -10.55
N TRP B 12 3.73 11.13 -9.66
CA TRP B 12 3.16 9.78 -9.57
C TRP B 12 1.66 10.01 -9.58
N PRO B 13 1.09 10.42 -10.73
CA PRO B 13 -0.32 10.71 -10.95
C PRO B 13 -1.40 9.64 -10.69
N TRP B 14 -1.02 8.38 -10.51
CA TRP B 14 -2.00 7.32 -10.25
C TRP B 14 -2.15 7.06 -8.75
N GLN B 15 -1.28 7.63 -7.93
CA GLN B 15 -1.31 7.44 -6.48
C GLN B 15 -2.51 8.11 -5.83
N VAL B 16 -3.35 7.30 -5.17
CA VAL B 16 -4.52 7.82 -4.46
C VAL B 16 -4.43 7.56 -2.97
N SER B 17 -5.25 8.29 -2.23
CA SER B 17 -5.30 8.19 -0.79
C SER B 17 -6.67 7.65 -0.44
N LEU B 18 -6.73 6.55 0.29
CA LEU B 18 -8.03 5.99 0.72
C LEU B 18 -8.28 6.54 2.12
N GLN B 19 -9.36 7.31 2.28
CA GLN B 19 -9.69 7.93 3.55
C GLN B 19 -11.11 7.62 3.97
N ASP B 20 -11.39 7.76 5.26
CA ASP B 20 -12.75 7.54 5.74
C ASP B 20 -13.53 8.83 5.44
N LYS B 21 -14.76 8.91 5.91
CA LYS B 21 -15.56 10.10 5.68
C LYS B 21 -14.93 11.33 6.34
N THR B 22 -14.47 11.15 7.58
CA THR B 22 -13.87 12.23 8.36
C THR B 22 -12.50 12.76 7.90
N GLY B 23 -11.93 12.16 6.84
CA GLY B 23 -10.66 12.63 6.32
C GLY B 23 -9.38 11.90 6.69
N PHE B 24 -9.51 10.76 7.36
CA PHE B 24 -8.34 9.97 7.76
C PHE B 24 -7.92 8.93 6.73
N HIS B 25 -6.67 9.09 6.28
CA HIS B 25 -6.02 8.21 5.31
C HIS B 25 -5.67 6.92 6.03
N PHE B 26 -6.05 5.79 5.45
CA PHE B 26 -5.72 4.51 6.08
C PHE B 26 -4.90 3.60 5.18
N CYS B 27 -5.00 3.85 3.88
CA CYS B 27 -4.32 3.07 2.87
C CYS B 27 -4.13 3.87 1.61
N GLY B 28 -3.20 3.43 0.77
CA GLY B 28 -2.95 4.08 -0.51
C GLY B 28 -3.63 3.28 -1.62
N GLY B 29 -3.43 3.69 -2.85
CA GLY B 29 -4.03 2.98 -3.98
C GLY B 29 -3.51 3.48 -5.31
N SER B 30 -3.93 2.86 -6.41
CA SER B 30 -3.49 3.30 -7.72
C SER B 30 -4.61 3.27 -8.73
N LEU B 31 -4.70 4.33 -9.53
CA LEU B 31 -5.71 4.43 -10.58
C LEU B 31 -5.16 3.63 -11.77
N ILE B 32 -6.01 2.80 -12.36
CA ILE B 32 -5.63 1.99 -13.53
C ILE B 32 -6.34 2.51 -14.77
N ASN B 33 -7.35 3.35 -14.53
CA ASN B 33 -8.17 4.00 -15.55
C ASN B 33 -9.06 5.04 -14.84
N GLU B 34 -9.99 5.66 -15.56
CA GLU B 34 -10.84 6.70 -14.97
C GLU B 34 -11.94 6.29 -14.02
N ASN B 35 -12.28 5.01 -13.99
CA ASN B 35 -13.36 4.52 -13.12
C ASN B 35 -12.93 3.38 -12.21
N TRP B 36 -11.67 2.99 -12.27
CA TRP B 36 -11.19 1.88 -11.43
C TRP B 36 -9.89 2.15 -10.72
N VAL B 37 -9.86 1.73 -9.45
CA VAL B 37 -8.70 1.86 -8.59
C VAL B 37 -8.36 0.46 -8.07
N VAL B 38 -7.08 0.16 -7.93
CA VAL B 38 -6.65 -1.12 -7.40
C VAL B 38 -5.91 -0.86 -6.06
N THR B 39 -6.23 -1.66 -5.05
CA THR B 39 -5.63 -1.52 -3.73
C THR B 39 -5.52 -2.90 -3.08
N ALA B 40 -5.20 -2.95 -1.79
CA ALA B 40 -5.06 -4.22 -1.08
C ALA B 40 -6.39 -4.69 -0.49
N ALA B 41 -6.58 -6.01 -0.46
CA ALA B 41 -7.81 -6.57 0.11
C ALA B 41 -7.84 -6.40 1.62
N HIS B 42 -6.67 -6.43 2.26
CA HIS B 42 -6.60 -6.29 3.71
C HIS B 42 -6.96 -4.87 4.17
N CYS B 43 -7.04 -3.91 3.24
CA CYS B 43 -7.38 -2.53 3.60
C CYS B 43 -8.82 -2.40 4.11
N GLY B 44 -9.70 -3.31 3.69
CA GLY B 44 -11.09 -3.30 4.13
C GLY B 44 -11.90 -2.10 3.69
N VAL B 45 -11.69 -1.67 2.46
CA VAL B 45 -12.40 -0.52 1.92
C VAL B 45 -13.91 -0.80 1.78
N THR B 46 -14.73 0.20 2.08
CA THR B 46 -16.19 0.08 1.95
C THR B 46 -16.72 1.25 1.11
N THR B 47 -18.04 1.26 0.89
CA THR B 47 -18.70 2.30 0.10
C THR B 47 -18.89 3.63 0.81
N SER B 48 -18.50 3.70 2.09
CA SER B 48 -18.61 4.95 2.84
C SER B 48 -17.25 5.68 2.86
N ASP B 49 -16.23 5.05 2.30
CA ASP B 49 -14.89 5.60 2.23
C ASP B 49 -14.73 6.46 0.97
N VAL B 50 -13.64 7.23 0.90
CA VAL B 50 -13.39 8.09 -0.24
C VAL B 50 -11.99 7.94 -0.86
N VAL B 51 -11.94 8.14 -2.17
CA VAL B 51 -10.71 8.09 -2.97
C VAL B 51 -10.30 9.53 -3.26
N VAL B 52 -9.17 9.96 -2.71
CA VAL B 52 -8.68 11.31 -2.93
C VAL B 52 -7.57 11.31 -3.97
N ALA B 53 -7.83 11.90 -5.12
CA ALA B 53 -6.85 11.95 -6.20
C ALA B 53 -6.24 13.35 -6.36
N GLY B 54 -5.03 13.42 -6.92
CA GLY B 54 -4.34 14.68 -7.15
C GLY B 54 -3.69 15.29 -5.93
N GLU B 55 -3.60 14.49 -4.87
CA GLU B 55 -3.05 14.88 -3.57
C GLU B 55 -1.53 14.73 -3.43
N PHE B 56 -0.92 15.69 -2.74
CA PHE B 56 0.51 15.69 -2.48
C PHE B 56 0.82 15.97 -1.00
N ASP B 57 0.45 17.16 -0.55
CA ASP B 57 0.69 17.58 0.82
C ASP B 57 -0.64 17.49 1.54
N GLN B 58 -0.73 16.54 2.47
CA GLN B 58 -1.93 16.32 3.23
C GLN B 58 -2.20 17.40 4.27
N GLY B 59 -1.18 18.17 4.62
CA GLY B 59 -1.34 19.26 5.57
C GLY B 59 -1.83 20.52 4.89
N SER B 60 -1.78 20.55 3.56
CA SER B 60 -2.23 21.67 2.74
C SER B 60 -3.72 21.54 2.39
N SER B 61 -4.22 22.45 1.56
CA SER B 61 -5.62 22.44 1.12
C SER B 61 -5.83 23.56 0.10
N SER B 62 -4.78 23.81 -0.67
CA SER B 62 -4.77 24.83 -1.70
C SER B 62 -4.55 24.08 -3.00
N GLU B 63 -4.11 22.83 -2.85
CA GLU B 63 -3.90 21.90 -3.96
C GLU B 63 -5.29 21.51 -4.37
N LYS B 64 -5.57 21.47 -5.67
CA LYS B 64 -6.89 21.03 -6.04
C LYS B 64 -6.91 19.53 -6.27
N ILE B 65 -7.69 18.88 -5.41
CA ILE B 65 -7.86 17.46 -5.35
C ILE B 65 -9.27 17.04 -5.73
N GLN B 66 -9.45 15.74 -5.91
CA GLN B 66 -10.75 15.20 -6.27
C GLN B 66 -11.11 14.12 -5.28
N LYS B 67 -12.24 14.30 -4.57
CA LYS B 67 -12.74 13.31 -3.62
C LYS B 67 -13.83 12.51 -4.33
N LEU B 68 -13.47 11.31 -4.75
CA LEU B 68 -14.35 10.42 -5.49
C LEU B 68 -15.00 9.37 -4.60
N LYS B 69 -16.28 9.09 -4.86
CA LYS B 69 -17.03 8.12 -4.08
C LYS B 69 -16.93 6.75 -4.70
N ILE B 70 -17.03 5.70 -3.87
CA ILE B 70 -16.97 4.30 -4.31
C ILE B 70 -18.38 3.77 -4.55
N ALA B 71 -18.65 3.21 -5.72
CA ALA B 71 -19.96 2.64 -6.01
C ALA B 71 -19.96 1.18 -5.62
N LYS B 72 -18.82 0.51 -5.80
CA LYS B 72 -18.75 -0.89 -5.46
C LYS B 72 -17.33 -1.36 -5.16
N VAL B 73 -17.22 -2.33 -4.27
CA VAL B 73 -15.95 -2.89 -3.86
C VAL B 73 -15.84 -4.34 -4.33
N PHE B 74 -14.75 -4.68 -5.01
CA PHE B 74 -14.54 -6.04 -5.49
C PHE B 74 -13.33 -6.69 -4.83
N LYS B 75 -13.54 -7.38 -3.71
CA LYS B 75 -12.46 -8.07 -3.02
C LYS B 75 -12.21 -9.38 -3.76
N ASN B 76 -10.95 -9.77 -3.90
CA ASN B 76 -10.62 -11.02 -4.59
C ASN B 76 -11.17 -12.18 -3.77
N SER B 77 -12.11 -12.92 -4.36
CA SER B 77 -12.76 -14.06 -3.71
C SER B 77 -11.79 -15.09 -3.12
N LYS B 78 -10.61 -15.21 -3.72
CA LYS B 78 -9.62 -16.15 -3.22
C LYS B 78 -8.64 -15.57 -2.20
N TYR B 79 -9.03 -14.46 -1.56
CA TYR B 79 -8.21 -13.80 -0.54
C TYR B 79 -8.27 -14.54 0.79
N ASN B 80 -7.10 -14.91 1.30
CA ASN B 80 -7.00 -15.63 2.57
C ASN B 80 -6.33 -14.73 3.60
N SER B 81 -7.05 -14.41 4.68
CA SER B 81 -6.55 -13.55 5.75
C SER B 81 -5.43 -14.21 6.55
N LEU B 82 -5.44 -15.54 6.55
CA LEU B 82 -4.47 -16.35 7.26
C LEU B 82 -3.08 -16.12 6.65
N THR B 83 -3.00 -16.19 5.32
CA THR B 83 -1.74 -16.02 4.62
C THR B 83 -1.48 -14.65 3.97
N ILE B 84 -2.54 -13.87 3.78
CA ILE B 84 -2.46 -12.54 3.14
C ILE B 84 -2.13 -12.74 1.66
N ASN B 85 -2.58 -13.85 1.09
CA ASN B 85 -2.34 -14.21 -0.31
C ASN B 85 -3.53 -13.71 -1.13
N ASN B 86 -3.27 -13.26 -2.36
CA ASN B 86 -4.31 -12.73 -3.27
C ASN B 86 -4.88 -11.46 -2.67
N ASP B 87 -3.98 -10.66 -2.13
CA ASP B 87 -4.32 -9.41 -1.48
C ASP B 87 -4.51 -8.30 -2.49
N ILE B 88 -5.73 -8.23 -3.03
CA ILE B 88 -6.07 -7.24 -4.04
C ILE B 88 -7.59 -7.03 -4.06
N THR B 89 -7.98 -5.77 -4.22
CA THR B 89 -9.38 -5.39 -4.26
C THR B 89 -9.51 -4.33 -5.32
N LEU B 90 -10.57 -4.40 -6.11
CA LEU B 90 -10.81 -3.42 -7.14
C LEU B 90 -11.88 -2.48 -6.65
N LEU B 91 -11.69 -1.19 -6.87
CA LEU B 91 -12.68 -0.20 -6.44
C LEU B 91 -13.37 0.37 -7.67
N LYS B 92 -14.67 0.28 -7.72
CA LYS B 92 -15.44 0.79 -8.85
C LYS B 92 -16.01 2.15 -8.42
N LEU B 93 -15.41 3.24 -8.91
CA LEU B 93 -15.85 4.60 -8.57
C LEU B 93 -17.23 4.94 -9.11
N SER B 94 -18.02 5.68 -8.33
CA SER B 94 -19.36 6.08 -8.76
C SER B 94 -19.29 7.37 -9.58
N THR B 95 -18.20 8.09 -9.37
CA THR B 95 -17.91 9.33 -10.06
C THR B 95 -16.51 9.16 -10.64
N ALA B 96 -16.40 9.30 -11.96
CA ALA B 96 -15.14 9.15 -12.68
C ALA B 96 -14.12 10.24 -12.39
N ALA B 97 -12.85 9.86 -12.40
CA ALA B 97 -11.76 10.80 -12.16
C ALA B 97 -11.45 11.56 -13.44
N SER B 98 -11.08 12.83 -13.29
CA SER B 98 -10.71 13.65 -14.44
C SER B 98 -9.19 13.66 -14.52
N PHE B 99 -8.67 13.13 -15.62
CA PHE B 99 -7.22 13.05 -15.83
C PHE B 99 -6.58 14.38 -16.23
N SER B 100 -5.32 14.55 -15.82
CA SER B 100 -4.51 15.73 -16.10
C SER B 100 -3.05 15.35 -15.85
N GLN B 101 -2.16 16.31 -15.64
CA GLN B 101 -0.74 16.00 -15.39
C GLN B 101 -0.48 15.46 -14.00
N THR B 102 -1.40 15.75 -13.08
CA THR B 102 -1.30 15.31 -11.70
C THR B 102 -2.19 14.09 -11.40
N VAL B 103 -3.11 13.78 -12.30
CA VAL B 103 -4.01 12.64 -12.14
C VAL B 103 -4.06 11.83 -13.43
N SER B 104 -3.53 10.61 -13.42
CA SER B 104 -3.57 9.76 -14.60
C SER B 104 -3.33 8.33 -14.20
N ALA B 105 -3.50 7.41 -15.15
CA ALA B 105 -3.37 5.99 -14.89
C ALA B 105 -2.00 5.36 -14.96
N VAL B 106 -1.85 4.23 -14.25
CA VAL B 106 -0.62 3.45 -14.24
C VAL B 106 -0.89 2.26 -15.16
N CYS B 107 0.17 1.68 -15.73
CA CYS B 107 -0.01 0.53 -16.61
C CYS B 107 -0.01 -0.76 -15.81
N LEU B 108 -0.64 -1.78 -16.35
CA LEU B 108 -0.68 -3.08 -15.71
C LEU B 108 0.08 -4.03 -16.62
N PRO B 109 0.82 -4.98 -16.05
CA PRO B 109 1.58 -5.94 -16.87
C PRO B 109 0.62 -6.96 -17.49
N SER B 110 1.17 -7.90 -18.26
CA SER B 110 0.35 -8.96 -18.85
C SER B 110 0.75 -10.17 -18.02
N ALA B 111 -0.10 -11.19 -17.95
CA ALA B 111 0.22 -12.35 -17.14
C ALA B 111 1.57 -13.02 -17.43
N SER B 112 2.15 -12.73 -18.59
CA SER B 112 3.43 -13.31 -19.01
C SER B 112 4.67 -12.46 -18.76
N ASP B 113 4.47 -11.16 -18.49
CA ASP B 113 5.58 -10.26 -18.22
C ASP B 113 6.41 -10.77 -17.06
N ASP B 114 7.72 -10.65 -17.16
CA ASP B 114 8.60 -11.07 -16.09
C ASP B 114 9.51 -9.91 -15.73
N PHE B 115 9.63 -9.66 -14.44
CA PHE B 115 10.46 -8.59 -13.94
C PHE B 115 11.56 -9.25 -13.11
N ALA B 116 12.77 -9.22 -13.66
CA ALA B 116 13.93 -9.86 -13.04
C ALA B 116 14.35 -9.35 -11.68
N ALA B 117 15.07 -10.19 -10.97
CA ALA B 117 15.59 -9.85 -9.65
C ALA B 117 16.66 -8.80 -9.87
N GLY B 118 16.89 -7.96 -8.86
CA GLY B 118 17.89 -6.92 -8.98
C GLY B 118 17.38 -5.71 -9.74
N THR B 119 16.17 -5.80 -10.29
CA THR B 119 15.58 -4.68 -11.00
C THR B 119 15.21 -3.60 -10.00
N THR B 120 15.62 -2.38 -10.26
CA THR B 120 15.29 -1.28 -9.37
C THR B 120 13.91 -0.75 -9.72
N CYS B 121 13.00 -0.84 -8.76
CA CYS B 121 11.64 -0.37 -8.93
C CYS B 121 11.39 0.71 -7.89
N VAL B 122 10.19 1.27 -7.87
CA VAL B 122 9.86 2.34 -6.92
C VAL B 122 8.58 2.08 -6.16
N THR B 123 8.53 2.53 -4.91
CA THR B 123 7.32 2.37 -4.11
C THR B 123 6.99 3.76 -3.56
N THR B 124 5.71 4.09 -3.51
CA THR B 124 5.28 5.40 -3.02
C THR B 124 4.13 5.33 -2.00
N GLY B 125 3.96 6.40 -1.22
CA GLY B 125 2.89 6.44 -0.23
C GLY B 125 3.05 7.46 0.89
N TRP B 126 2.05 7.51 1.77
CA TRP B 126 2.07 8.43 2.92
C TRP B 126 2.19 7.68 4.25
N GLY B 127 2.80 6.51 4.24
CA GLY B 127 2.94 5.74 5.46
C GLY B 127 4.00 6.27 6.40
N LEU B 128 4.05 5.68 7.60
CA LEU B 128 5.01 6.08 8.63
C LEU B 128 6.44 6.13 8.11
N THR B 129 7.17 7.13 8.58
CA THR B 129 8.57 7.32 8.19
C THR B 129 9.48 6.69 9.23
N ARG B 130 8.85 6.20 10.30
CA ARG B 130 9.56 5.55 11.38
C ARG B 130 8.55 4.83 12.24
N TYR B 131 8.98 3.76 12.89
CA TYR B 131 8.10 3.05 13.80
C TYR B 131 8.84 2.80 15.10
N ALA C 1 2.78 10.05 15.67
CA ALA C 1 2.54 10.54 14.29
C ALA C 1 3.82 10.72 13.54
N ASN C 2 4.37 9.62 13.04
CA ASN C 2 5.57 9.67 12.24
C ASN C 2 5.09 9.56 10.80
N THR C 3 3.95 10.20 10.55
CA THR C 3 3.32 10.24 9.23
C THR C 3 3.75 11.52 8.50
N PRO C 4 4.37 11.37 7.32
CA PRO C 4 4.84 12.52 6.54
C PRO C 4 3.66 13.21 5.86
N ASP C 5 3.68 14.54 5.86
CA ASP C 5 2.62 15.30 5.20
C ASP C 5 2.72 15.19 3.68
N ARG C 6 3.94 15.13 3.16
CA ARG C 6 4.14 15.05 1.73
C ARG C 6 4.46 13.64 1.24
N LEU C 7 4.02 13.33 0.03
CA LEU C 7 4.22 12.02 -0.59
C LEU C 7 5.69 11.58 -0.66
N GLN C 8 5.99 10.40 -0.14
CA GLN C 8 7.34 9.86 -0.14
C GLN C 8 7.50 8.85 -1.27
N GLN C 9 8.76 8.57 -1.61
CA GLN C 9 9.10 7.62 -2.65
C GLN C 9 10.41 6.97 -2.23
N ALA C 10 10.60 5.72 -2.62
CA ALA C 10 11.82 5.02 -2.28
C ALA C 10 12.13 4.08 -3.43
N SER C 11 13.42 3.94 -3.73
CA SER C 11 13.86 3.04 -4.78
C SER C 11 14.41 1.79 -4.12
N LEU C 12 14.00 0.64 -4.63
CA LEU C 12 14.41 -0.65 -4.08
C LEU C 12 14.40 -1.75 -5.16
N PRO C 13 15.22 -2.79 -4.98
CA PRO C 13 15.34 -3.93 -5.91
C PRO C 13 14.38 -5.08 -5.69
N LEU C 14 14.03 -5.76 -6.78
CA LEU C 14 13.17 -6.91 -6.72
C LEU C 14 14.02 -8.10 -6.29
N LEU C 15 13.51 -8.88 -5.36
CA LEU C 15 14.21 -10.06 -4.88
C LEU C 15 13.67 -11.25 -5.63
N SER C 16 14.44 -12.33 -5.65
CA SER C 16 13.98 -13.56 -6.26
C SER C 16 13.27 -14.26 -5.10
N ASN C 17 12.11 -14.84 -5.37
CA ASN C 17 11.30 -15.53 -4.37
C ASN C 17 12.07 -16.45 -3.43
N THR C 18 13.15 -17.03 -3.95
CA THR C 18 13.99 -17.94 -3.18
C THR C 18 14.83 -17.15 -2.17
N ASN C 19 15.45 -16.06 -2.63
CA ASN C 19 16.23 -15.24 -1.72
C ASN C 19 15.30 -14.64 -0.70
N CYS C 20 14.05 -14.43 -1.12
CA CYS C 20 13.05 -13.90 -0.22
C CYS C 20 12.66 -14.98 0.77
N LYS C 21 12.63 -16.23 0.32
CA LYS C 21 12.27 -17.33 1.19
C LYS C 21 13.33 -17.59 2.27
N LYS C 22 14.49 -16.94 2.16
CA LYS C 22 15.56 -17.08 3.14
C LYS C 22 15.18 -16.28 4.40
N TYR C 23 14.13 -15.47 4.27
CA TYR C 23 13.65 -14.65 5.38
C TYR C 23 12.27 -15.13 5.83
N TRP C 24 11.35 -15.17 4.88
CA TRP C 24 9.97 -15.55 5.15
C TRP C 24 9.64 -17.04 5.04
N GLY C 25 10.49 -17.79 4.33
CA GLY C 25 10.28 -19.21 4.16
C GLY C 25 8.92 -19.68 3.66
N THR C 26 8.19 -20.32 4.55
CA THR C 26 6.85 -20.84 4.25
C THR C 26 5.82 -19.77 3.85
N LYS C 27 5.96 -18.58 4.44
CA LYS C 27 5.07 -17.43 4.20
C LYS C 27 4.83 -17.03 2.74
N ILE C 28 5.91 -17.09 1.95
CA ILE C 28 5.87 -16.69 0.55
C ILE C 28 5.10 -17.62 -0.37
N LYS C 29 4.03 -17.09 -0.95
CA LYS C 29 3.18 -17.81 -1.87
C LYS C 29 3.44 -17.26 -3.25
N ASP C 30 2.78 -17.82 -4.26
CA ASP C 30 2.98 -17.40 -5.63
C ASP C 30 2.36 -16.09 -6.07
N ALA C 31 1.35 -15.63 -5.36
CA ALA C 31 0.72 -14.36 -5.70
C ALA C 31 1.46 -13.27 -4.92
N MET C 32 2.70 -13.54 -4.56
CA MET C 32 3.51 -12.62 -3.79
C MET C 32 4.88 -12.37 -4.41
N ILE C 33 5.41 -11.17 -4.21
CA ILE C 33 6.71 -10.79 -4.73
C ILE C 33 7.37 -9.87 -3.70
N CYS C 34 8.66 -10.08 -3.45
CA CYS C 34 9.40 -9.29 -2.49
C CYS C 34 10.25 -8.19 -3.11
N ALA C 35 10.58 -7.20 -2.29
CA ALA C 35 11.39 -6.07 -2.71
C ALA C 35 11.90 -5.41 -1.45
N GLY C 36 13.07 -4.78 -1.52
CA GLY C 36 13.60 -4.11 -0.34
C GLY C 36 14.74 -4.83 0.33
N ALA C 37 14.83 -4.66 1.65
CA ALA C 37 15.91 -5.24 2.45
C ALA C 37 17.19 -4.51 2.07
N SER C 38 17.02 -3.32 1.52
CA SER C 38 18.12 -2.50 1.06
C SER C 38 18.27 -1.19 1.84
N GLY C 39 17.65 -1.11 3.01
CA GLY C 39 17.73 0.12 3.78
C GLY C 39 16.47 0.96 3.70
N VAL C 40 15.50 0.55 2.88
CA VAL C 40 14.24 1.26 2.79
C VAL C 40 13.15 0.25 3.09
N SER C 41 11.96 0.73 3.42
CA SER C 41 10.84 -0.16 3.74
C SER C 41 9.51 0.57 3.67
N SER C 42 8.45 -0.20 3.48
CA SER C 42 7.10 0.33 3.47
C SER C 42 6.66 0.13 4.91
N CYS C 43 5.90 1.06 5.44
CA CYS C 43 5.41 0.94 6.82
C CYS C 43 3.90 1.19 6.84
N MET C 44 3.31 1.25 8.04
CA MET C 44 1.87 1.47 8.19
C MET C 44 1.36 2.74 7.54
N GLY C 45 0.40 2.56 6.63
CA GLY C 45 -0.17 3.68 5.89
C GLY C 45 0.17 3.55 4.42
N ASP C 46 1.14 2.70 4.11
CA ASP C 46 1.61 2.47 2.75
C ASP C 46 0.79 1.43 1.99
N SER C 47 0.16 0.51 2.73
CA SER C 47 -0.67 -0.54 2.14
C SER C 47 -1.56 -0.10 1.00
N GLY C 48 -1.70 -0.98 0.01
CA GLY C 48 -2.55 -0.69 -1.13
C GLY C 48 -1.89 0.16 -2.18
N GLY C 49 -0.74 0.72 -1.85
CA GLY C 49 -0.02 1.57 -2.78
C GLY C 49 0.75 0.77 -3.82
N PRO C 50 1.33 1.46 -4.82
CA PRO C 50 2.09 0.82 -5.89
C PRO C 50 3.58 0.53 -5.73
N LEU C 51 3.99 -0.53 -6.43
CA LEU C 51 5.41 -0.94 -6.56
C LEU C 51 5.50 -0.94 -8.09
N VAL C 52 6.11 0.10 -8.64
CA VAL C 52 6.21 0.23 -10.09
C VAL C 52 7.61 0.10 -10.69
N CYS C 53 7.69 -0.56 -11.85
CA CYS C 53 8.97 -0.71 -12.54
C CYS C 53 8.78 -0.22 -13.96
N LYS C 54 9.85 0.24 -14.57
CA LYS C 54 9.80 0.71 -15.96
C LYS C 54 9.73 -0.44 -16.96
N LYS C 55 8.91 -0.25 -17.97
CA LYS C 55 8.73 -1.21 -19.04
C LYS C 55 8.43 -0.39 -20.28
N ASN C 56 9.46 -0.18 -21.09
CA ASN C 56 9.34 0.60 -22.33
C ASN C 56 9.03 2.05 -22.05
N GLY C 57 9.65 2.61 -21.01
CA GLY C 57 9.41 4.00 -20.68
C GLY C 57 8.07 4.26 -20.02
N ALA C 58 7.31 3.21 -19.71
CA ALA C 58 6.03 3.36 -19.05
C ALA C 58 6.11 2.68 -17.70
N TRP C 59 5.74 3.39 -16.65
CA TRP C 59 5.76 2.80 -15.33
C TRP C 59 4.66 1.75 -15.29
N THR C 60 5.01 0.56 -14.82
CA THR C 60 4.10 -0.56 -14.76
C THR C 60 3.93 -1.09 -13.33
N LEU C 61 2.68 -1.41 -12.98
CA LEU C 61 2.32 -1.93 -11.66
C LEU C 61 2.74 -3.38 -11.52
N VAL C 62 3.82 -3.58 -10.78
CA VAL C 62 4.39 -4.90 -10.55
C VAL C 62 3.93 -5.50 -9.23
N GLY C 63 3.61 -4.63 -8.27
CA GLY C 63 3.17 -5.08 -6.96
C GLY C 63 2.30 -4.07 -6.23
N ILE C 64 1.69 -4.53 -5.14
CA ILE C 64 0.80 -3.72 -4.30
C ILE C 64 1.27 -3.92 -2.86
N VAL C 65 1.51 -2.85 -2.13
CA VAL C 65 1.99 -2.96 -0.75
C VAL C 65 1.07 -3.88 0.04
N SER C 66 1.64 -4.93 0.60
CA SER C 66 0.84 -5.88 1.35
C SER C 66 1.24 -6.05 2.82
N TRP C 67 2.36 -6.73 3.05
CA TRP C 67 2.82 -6.97 4.40
C TRP C 67 4.34 -7.01 4.48
N GLY C 68 4.85 -7.30 5.67
CA GLY C 68 6.28 -7.38 5.90
C GLY C 68 6.54 -7.42 7.39
N SER C 69 7.69 -6.91 7.81
CA SER C 69 8.13 -6.86 9.20
C SER C 69 7.13 -6.08 10.05
N SER C 70 6.96 -6.49 11.32
CA SER C 70 6.02 -5.81 12.21
C SER C 70 6.51 -4.44 12.72
N THR C 71 7.81 -4.21 12.61
CA THR C 71 8.41 -2.94 13.02
C THR C 71 9.01 -2.19 11.83
N CYS C 72 8.70 -2.64 10.61
CA CYS C 72 9.20 -2.05 9.37
C CYS C 72 10.74 -2.05 9.27
N SER C 73 11.32 -3.23 9.40
CA SER C 73 12.78 -3.37 9.33
C SER C 73 13.24 -3.13 7.90
N THR C 74 14.11 -2.14 7.74
CA THR C 74 14.64 -1.77 6.43
C THR C 74 15.63 -2.81 5.85
N SER C 75 16.03 -3.76 6.67
CA SER C 75 16.94 -4.81 6.22
C SER C 75 16.22 -6.13 5.93
N THR C 76 14.89 -6.12 6.00
CA THR C 76 14.07 -7.29 5.71
C THR C 76 13.30 -6.95 4.44
N PRO C 77 13.01 -7.97 3.60
CA PRO C 77 12.26 -7.68 2.38
C PRO C 77 10.81 -7.48 2.67
N GLY C 78 10.18 -6.56 1.94
CA GLY C 78 8.77 -6.32 2.10
C GLY C 78 8.05 -7.22 1.12
N VAL C 79 6.84 -7.66 1.45
CA VAL C 79 6.09 -8.54 0.57
C VAL C 79 4.91 -7.78 -0.07
N TYR C 80 4.85 -7.86 -1.39
CA TYR C 80 3.82 -7.19 -2.18
C TYR C 80 2.98 -8.23 -2.91
N ALA C 81 1.77 -7.84 -3.29
CA ALA C 81 0.90 -8.74 -4.02
C ALA C 81 1.44 -8.72 -5.45
N ARG C 82 1.75 -9.90 -5.99
CA ARG C 82 2.28 -10.01 -7.35
C ARG C 82 1.17 -9.83 -8.36
N VAL C 83 1.19 -8.70 -9.05
CA VAL C 83 0.18 -8.33 -10.04
C VAL C 83 0.04 -9.19 -11.30
N THR C 84 1.15 -9.66 -11.88
CA THR C 84 1.07 -10.50 -13.08
C THR C 84 0.23 -11.76 -12.79
N ALA C 85 0.28 -12.21 -11.54
CA ALA C 85 -0.46 -13.39 -11.13
C ALA C 85 -1.95 -13.10 -10.88
N LEU C 86 -2.28 -11.82 -10.76
CA LEU C 86 -3.64 -11.41 -10.45
C LEU C 86 -4.29 -10.58 -11.55
N VAL C 87 -3.50 -10.24 -12.57
CA VAL C 87 -3.98 -9.40 -13.66
C VAL C 87 -5.15 -9.96 -14.50
N ASN C 88 -5.31 -11.28 -14.54
CA ASN C 88 -6.40 -11.89 -15.31
C ASN C 88 -7.72 -11.74 -14.57
N TRP C 89 -7.67 -11.85 -13.23
CA TRP C 89 -8.85 -11.68 -12.41
C TRP C 89 -9.33 -10.25 -12.61
N VAL C 90 -8.38 -9.32 -12.72
CA VAL C 90 -8.70 -7.90 -12.90
C VAL C 90 -9.36 -7.63 -14.25
N GLN C 91 -8.85 -8.28 -15.30
CA GLN C 91 -9.36 -8.11 -16.65
C GLN C 91 -10.78 -8.59 -16.76
N GLN C 92 -11.08 -9.68 -16.06
CA GLN C 92 -12.41 -10.26 -16.06
C GLN C 92 -13.39 -9.40 -15.27
N THR C 93 -12.90 -8.81 -14.17
CA THR C 93 -13.74 -7.94 -13.35
C THR C 93 -14.06 -6.69 -14.15
N LEU C 94 -13.02 -6.08 -14.71
CA LEU C 94 -13.18 -4.87 -15.52
C LEU C 94 -14.12 -5.06 -16.69
N ALA C 95 -13.91 -6.12 -17.46
CA ALA C 95 -14.73 -6.44 -18.62
C ALA C 95 -16.18 -6.71 -18.25
N ALA C 96 -16.37 -7.55 -17.23
CA ALA C 96 -17.69 -7.94 -16.76
C ALA C 96 -18.56 -6.79 -16.28
N ASN C 97 -18.02 -5.96 -15.39
CA ASN C 97 -18.75 -4.83 -14.84
C ASN C 97 -18.42 -3.53 -15.58
N VAL D 1 -9.77 -5.81 22.47
CA VAL D 1 -8.97 -6.30 21.30
C VAL D 1 -8.55 -7.76 21.54
N ASP D 2 -8.61 -8.58 20.50
CA ASP D 2 -8.21 -9.97 20.64
C ASP D 2 -6.77 -10.08 20.22
N CYS D 3 -5.89 -10.35 21.19
CA CYS D 3 -4.47 -10.48 20.90
C CYS D 3 -3.97 -11.89 21.15
N SER D 4 -4.87 -12.86 21.21
CA SER D 4 -4.48 -14.25 21.44
C SER D 4 -3.65 -14.86 20.32
N GLU D 5 -3.86 -14.36 19.10
CA GLU D 5 -3.15 -14.85 17.93
C GLU D 5 -1.70 -14.37 17.85
N TYR D 6 -1.32 -13.47 18.75
CA TYR D 6 0.02 -12.90 18.76
C TYR D 6 0.94 -13.56 19.78
N PRO D 7 2.27 -13.31 19.72
CA PRO D 7 3.05 -12.46 18.81
C PRO D 7 3.00 -12.88 17.34
N LYS D 8 3.37 -11.94 16.47
CA LYS D 8 3.42 -12.15 15.03
C LYS D 8 4.61 -11.41 14.47
N PRO D 9 5.51 -12.14 13.80
CA PRO D 9 6.74 -11.61 13.19
C PRO D 9 6.45 -10.68 12.00
N ALA D 10 5.25 -10.78 11.45
CA ALA D 10 4.86 -9.98 10.31
C ALA D 10 3.50 -9.31 10.49
N CYS D 11 3.40 -8.07 10.00
CA CYS D 11 2.16 -7.31 10.06
C CYS D 11 1.89 -6.70 8.71
N THR D 12 0.61 -6.46 8.44
CA THR D 12 0.19 -5.80 7.22
C THR D 12 0.45 -4.31 7.48
N LYS D 13 0.42 -3.51 6.44
CA LYS D 13 0.75 -2.10 6.60
C LYS D 13 -0.34 -1.04 6.43
N GLU D 14 -1.53 -1.33 6.95
CA GLU D 14 -2.61 -0.36 6.91
C GLU D 14 -2.46 0.57 8.10
N TYR D 15 -3.06 1.74 8.03
CA TYR D 15 -2.96 2.69 9.13
C TYR D 15 -4.31 2.84 9.80
N ARG D 16 -4.48 2.11 10.89
CA ARG D 16 -5.70 2.13 11.72
C ARG D 16 -5.13 2.24 13.15
N PRO D 17 -4.62 3.43 13.53
CA PRO D 17 -4.01 3.73 14.83
C PRO D 17 -4.77 3.46 16.11
N LEU D 18 -4.01 3.02 17.12
CA LEU D 18 -4.53 2.73 18.45
C LEU D 18 -3.61 3.36 19.50
N CYS D 19 -4.19 4.00 20.52
CA CYS D 19 -3.40 4.64 21.58
C CYS D 19 -3.28 3.68 22.76
N GLY D 20 -2.06 3.37 23.15
CA GLY D 20 -1.84 2.47 24.26
C GLY D 20 -1.88 3.25 25.55
N SER D 21 -2.07 2.56 26.68
CA SER D 21 -2.10 3.23 27.98
C SER D 21 -0.71 3.74 28.34
N ASP D 22 0.24 3.57 27.42
CA ASP D 22 1.62 4.01 27.57
C ASP D 22 1.86 5.33 26.85
N ASN D 23 0.78 5.88 26.29
CA ASN D 23 0.80 7.14 25.54
C ASN D 23 1.55 7.02 24.22
N LYS D 24 1.49 5.84 23.63
CA LYS D 24 2.13 5.60 22.34
C LYS D 24 1.07 5.19 21.32
N THR D 25 1.19 5.75 20.12
CA THR D 25 0.30 5.46 19.00
C THR D 25 0.86 4.33 18.16
N TYR D 26 0.11 3.24 18.12
CA TYR D 26 0.45 2.06 17.34
C TYR D 26 -0.25 2.14 16.00
N GLY D 27 0.52 1.98 14.92
CA GLY D 27 -0.01 2.03 13.57
C GLY D 27 -1.24 1.22 13.24
N ASN D 28 -1.40 0.06 13.88
CA ASN D 28 -2.56 -0.81 13.64
C ASN D 28 -2.66 -1.90 14.71
N LYS D 29 -3.71 -2.71 14.65
CA LYS D 29 -3.95 -3.77 15.62
C LYS D 29 -2.85 -4.81 15.70
N CYS D 30 -2.21 -5.09 14.58
CA CYS D 30 -1.15 -6.06 14.58
C CYS D 30 0.03 -5.59 15.43
N ASN D 31 0.50 -4.36 15.22
CA ASN D 31 1.61 -3.91 16.05
C ASN D 31 1.23 -3.53 17.48
N PHE D 32 -0.07 -3.35 17.74
CA PHE D 32 -0.54 -3.02 19.09
C PHE D 32 -0.57 -4.31 19.91
N CYS D 33 -1.09 -5.38 19.30
CA CYS D 33 -1.17 -6.68 19.94
C CYS D 33 0.21 -7.25 20.19
N ASN D 34 1.11 -7.04 19.24
CA ASN D 34 2.49 -7.49 19.35
C ASN D 34 3.13 -6.85 20.58
N ALA D 35 2.82 -5.58 20.81
CA ALA D 35 3.35 -4.86 21.96
C ALA D 35 2.66 -5.26 23.27
N VAL D 36 1.44 -5.79 23.17
CA VAL D 36 0.70 -6.21 24.36
C VAL D 36 1.29 -7.49 24.94
N VAL D 37 1.95 -8.27 24.09
CA VAL D 37 2.57 -9.50 24.54
C VAL D 37 3.97 -9.27 25.10
N GLU D 38 4.61 -8.18 24.66
CA GLU D 38 5.94 -7.82 25.16
C GLU D 38 5.80 -7.41 26.61
N SER D 39 4.95 -6.41 26.82
CA SER D 39 4.66 -5.87 28.15
C SER D 39 4.11 -6.94 29.07
N ASN D 40 3.80 -8.10 28.48
CA ASN D 40 3.23 -9.26 29.17
C ASN D 40 1.99 -8.92 29.99
N GLY D 41 1.00 -8.37 29.28
CA GLY D 41 -0.25 -8.00 29.91
C GLY D 41 -0.37 -6.55 30.41
N THR D 42 0.76 -5.95 30.79
CA THR D 42 0.75 -4.59 31.33
C THR D 42 0.31 -3.47 30.40
N LEU D 43 0.31 -3.70 29.09
CA LEU D 43 -0.13 -2.69 28.13
C LEU D 43 -1.60 -2.88 27.79
N THR D 44 -2.36 -1.79 27.89
CA THR D 44 -3.79 -1.83 27.57
C THR D 44 -4.10 -0.73 26.58
N LEU D 45 -5.29 -0.79 26.00
CA LEU D 45 -5.76 0.21 25.05
C LEU D 45 -6.39 1.34 25.84
N SER D 46 -6.01 2.58 25.56
CA SER D 46 -6.64 3.67 26.28
C SER D 46 -7.73 4.23 25.38
N HIS D 47 -7.57 4.06 24.08
CA HIS D 47 -8.55 4.50 23.09
C HIS D 47 -8.08 4.31 21.64
N PHE D 48 -9.03 4.31 20.71
CA PHE D 48 -8.72 4.18 19.29
C PHE D 48 -8.25 5.52 18.73
N GLY D 49 -7.41 5.45 17.70
CA GLY D 49 -6.87 6.65 17.09
C GLY D 49 -5.56 7.11 17.70
N LYS D 50 -5.02 8.22 17.18
CA LYS D 50 -3.76 8.79 17.66
C LYS D 50 -3.85 9.17 19.13
N CYS D 51 -2.74 9.07 19.85
CA CYS D 51 -2.69 9.45 21.26
C CYS D 51 -2.85 10.94 21.43
#